data_4JIP
#
_entry.id   4JIP
#
_cell.length_a   58.910
_cell.length_b   68.280
_cell.length_c   90.060
_cell.angle_alpha   90.00
_cell.angle_beta   90.00
_cell.angle_gamma   90.00
#
_symmetry.space_group_name_H-M   'P 21 21 21'
#
loop_
_entity.id
_entity.type
_entity.pdbx_description
1 polymer 'GTN Reductase'
2 non-polymer 'FLAVIN MONONUCLEOTIDE'
3 non-polymer P-HYDROXYBENZALDEHYDE
4 water water
#
_entity_poly.entity_id   1
_entity_poly.type   'polypeptide(L)'
_entity_poly.pdbx_seq_one_letter_code
;MTSLFEPAQAGDIALANRIVMAPLTRNRSPGAIPNNLNATYYEQRATAGLIVTEGTPISQQGQGYADVPGLYKREAIEGW
KKITDGVHSAGGKIVAQIWHVGRISHTSLQPHGGQPVAPSAITAKSKTYIINDDGTGAFAETSEPRALTIDDIGLILEDY
RSGARAALEAGFDGVEIHAANGYLIEQFLKSSTNQRTDDYGGSIENRARFLLEVVDAVAEEIGAGRTGIRLSPVTPANDI
FEADPQPLYNYVVEQLGKRNLAFIHVVEGATGGPRDFKQGDKPFDYASFKAAYRNAGGKGLWIANNGYDRQSAIEAVESG
KVDAVAFGKAFIANPDLVRRLKNDAPLNAPNQPTFYGGGAEGYTDYPALAQHHHHHH
;
_entity_poly.pdbx_strand_id   A
#
loop_
_chem_comp.id
_chem_comp.type
_chem_comp.name
_chem_comp.formula
FMN non-polymer 'FLAVIN MONONUCLEOTIDE' 'C17 H21 N4 O9 P'
HBA non-polymer P-HYDROXYBENZALDEHYDE 'C7 H6 O2'
#
# COMPACT_ATOMS: atom_id res chain seq x y z
N THR A 2 20.44 11.23 -12.47
CA THR A 2 19.40 10.21 -12.47
C THR A 2 18.10 10.78 -13.01
N SER A 3 17.56 10.14 -14.05
CA SER A 3 16.33 10.61 -14.68
C SER A 3 15.11 9.77 -14.28
N LEU A 4 13.95 10.40 -14.25
CA LEU A 4 12.70 9.71 -13.93
C LEU A 4 12.43 8.57 -14.90
N PHE A 5 12.86 8.73 -16.13
CA PHE A 5 12.52 7.78 -17.19
C PHE A 5 13.59 6.71 -17.40
N GLU A 6 14.59 6.68 -16.52
CA GLU A 6 15.68 5.72 -16.69
C GLU A 6 15.55 4.54 -15.71
N PRO A 7 16.14 3.39 -16.08
CA PRO A 7 15.95 2.19 -15.25
C PRO A 7 16.44 2.33 -13.81
N ALA A 8 15.88 1.51 -12.92
CA ALA A 8 16.31 1.43 -11.53
C ALA A 8 16.29 -0.02 -11.05
N GLN A 9 16.81 -0.25 -9.85
CA GLN A 9 16.79 -1.56 -9.24
C GLN A 9 16.20 -1.44 -7.83
N ALA A 10 15.31 -2.36 -7.49
CA ALA A 10 14.71 -2.41 -6.16
C ALA A 10 14.87 -3.81 -5.61
N GLY A 11 15.97 -4.04 -4.89
CA GLY A 11 16.30 -5.38 -4.44
C GLY A 11 16.62 -6.26 -5.63
N ASP A 12 15.86 -7.33 -5.79
CA ASP A 12 16.09 -8.26 -6.90
C ASP A 12 15.17 -7.94 -8.08
N ILE A 13 14.43 -6.83 -7.97
CA ILE A 13 13.49 -6.47 -9.02
C ILE A 13 14.02 -5.34 -9.91
N ALA A 14 14.21 -5.64 -11.19
CA ALA A 14 14.70 -4.65 -12.13
C ALA A 14 13.53 -3.88 -12.71
N LEU A 15 13.63 -2.55 -12.75
CA LEU A 15 12.56 -1.70 -13.28
C LEU A 15 13.01 -1.00 -14.57
N ALA A 16 12.13 -0.94 -15.57
CA ALA A 16 12.45 -0.31 -16.85
C ALA A 16 12.52 1.21 -16.72
N ASN A 17 11.84 1.73 -15.70
CA ASN A 17 11.86 3.15 -15.41
C ASN A 17 11.40 3.40 -13.98
N ARG A 18 11.37 4.67 -13.57
CA ARG A 18 11.08 5.01 -12.18
C ARG A 18 9.72 5.68 -12.01
N ILE A 19 8.83 5.45 -12.95
CA ILE A 19 7.45 5.87 -12.83
C ILE A 19 6.64 4.69 -12.28
N VAL A 20 6.07 4.88 -11.09
CA VAL A 20 5.42 3.78 -10.38
C VAL A 20 3.91 3.99 -10.31
N MET A 21 3.14 2.93 -10.51
CA MET A 21 1.70 2.99 -10.29
C MET A 21 1.42 2.75 -8.81
N ALA A 22 0.91 3.78 -8.14
CA ALA A 22 0.53 3.67 -6.74
C ALA A 22 -0.56 2.63 -6.57
N PRO A 23 -0.65 2.01 -5.37
CA PRO A 23 -1.76 1.11 -5.04
C PRO A 23 -3.09 1.85 -5.03
N LEU A 24 -4.09 1.30 -5.72
CA LEU A 24 -5.39 1.96 -5.84
C LEU A 24 -6.58 1.00 -5.71
N THR A 25 -7.16 0.96 -4.52
CA THR A 25 -8.42 0.24 -4.24
C THR A 25 -9.51 0.70 -5.21
N ARG A 26 -10.06 -0.25 -5.98
CA ARG A 26 -11.06 0.05 -7.01
C ARG A 26 -12.40 -0.69 -6.77
N ASN A 27 -12.38 -1.64 -5.83
CA ASN A 27 -13.57 -2.41 -5.47
C ASN A 27 -14.26 -3.04 -6.68
N ARG A 28 -13.51 -3.79 -7.48
CA ARG A 28 -14.10 -4.43 -8.65
C ARG A 28 -13.70 -5.89 -8.73
N SER A 29 -13.53 -6.53 -7.58
CA SER A 29 -13.23 -7.96 -7.54
C SER A 29 -14.16 -8.66 -6.53
N PRO A 30 -15.46 -8.79 -6.88
CA PRO A 30 -16.43 -9.39 -5.96
C PRO A 30 -16.09 -10.84 -5.64
N GLY A 31 -16.28 -11.23 -4.38
CA GLY A 31 -15.90 -12.56 -3.93
C GLY A 31 -14.42 -12.65 -3.63
N ALA A 32 -13.77 -11.49 -3.49
CA ALA A 32 -12.33 -11.40 -3.20
C ALA A 32 -11.43 -12.06 -4.25
N ILE A 33 -11.91 -12.11 -5.49
CA ILE A 33 -11.20 -12.81 -6.56
C ILE A 33 -11.05 -11.92 -7.79
N PRO A 34 -9.81 -11.68 -8.23
CA PRO A 34 -9.50 -10.93 -9.44
C PRO A 34 -10.15 -11.61 -10.64
N ASN A 35 -10.79 -10.83 -11.51
CA ASN A 35 -11.48 -11.36 -12.68
C ASN A 35 -10.82 -10.91 -13.98
N ASN A 36 -11.47 -11.15 -15.12
CA ASN A 36 -10.90 -10.77 -16.40
C ASN A 36 -10.76 -9.25 -16.60
N LEU A 37 -11.72 -8.49 -16.07
CA LEU A 37 -11.68 -7.04 -16.20
C LEU A 37 -10.50 -6.43 -15.44
N ASN A 38 -10.25 -6.92 -14.21
CA ASN A 38 -9.07 -6.54 -13.46
C ASN A 38 -7.79 -6.81 -14.25
N ALA A 39 -7.71 -7.95 -14.93
CA ALA A 39 -6.53 -8.28 -15.72
C ALA A 39 -6.31 -7.27 -16.86
N THR A 40 -7.38 -6.89 -17.54
CA THR A 40 -7.32 -5.87 -18.58
C THR A 40 -6.83 -4.51 -18.03
N TYR A 41 -7.38 -4.10 -16.89
CA TYR A 41 -7.00 -2.85 -16.24
C TYR A 41 -5.50 -2.78 -15.91
N TYR A 42 -4.94 -3.87 -15.39
CA TYR A 42 -3.53 -3.85 -15.07
C TYR A 42 -2.65 -3.92 -16.31
N GLU A 43 -3.06 -4.71 -17.30
CA GLU A 43 -2.30 -4.82 -18.56
C GLU A 43 -2.15 -3.47 -19.25
N GLN A 44 -3.23 -2.68 -19.25
CA GLN A 44 -3.18 -1.34 -19.84
C GLN A 44 -2.07 -0.46 -19.24
N ARG A 45 -1.70 -0.75 -18.00
CA ARG A 45 -0.77 0.10 -17.26
C ARG A 45 0.60 -0.51 -17.11
N ALA A 46 0.86 -1.56 -17.89
CA ALA A 46 2.08 -2.34 -17.73
C ALA A 46 3.36 -1.66 -18.23
N THR A 47 3.24 -0.47 -18.81
CA THR A 47 4.44 0.29 -19.18
C THR A 47 5.05 1.00 -17.98
N ALA A 48 4.32 0.99 -16.86
CA ALA A 48 4.86 1.47 -15.60
C ALA A 48 6.10 0.65 -15.26
N GLY A 49 7.12 1.32 -14.72
CA GLY A 49 8.32 0.62 -14.30
C GLY A 49 7.98 -0.37 -13.22
N LEU A 50 7.03 -0.01 -12.37
CA LEU A 50 6.57 -0.88 -11.31
C LEU A 50 5.11 -0.60 -10.99
N ILE A 51 4.30 -1.66 -10.97
CA ILE A 51 2.92 -1.55 -10.54
C ILE A 51 2.80 -2.12 -9.13
N VAL A 52 2.24 -1.34 -8.22
CA VAL A 52 1.85 -1.85 -6.91
C VAL A 52 0.33 -2.05 -6.98
N THR A 53 -0.15 -3.26 -6.76
CA THR A 53 -1.60 -3.53 -6.86
C THR A 53 -2.39 -2.75 -5.83
N GLU A 54 -3.69 -2.66 -6.05
CA GLU A 54 -4.62 -2.22 -5.02
C GLU A 54 -4.35 -3.06 -3.75
N GLY A 55 -4.79 -2.55 -2.61
CA GLY A 55 -4.68 -3.31 -1.38
C GLY A 55 -5.31 -4.68 -1.56
N THR A 56 -4.55 -5.72 -1.24
CA THR A 56 -5.07 -7.08 -1.33
C THR A 56 -4.86 -7.81 0.01
N PRO A 57 -5.95 -7.99 0.76
CA PRO A 57 -5.86 -8.48 2.14
C PRO A 57 -5.38 -9.92 2.26
N ILE A 58 -4.69 -10.20 3.35
CA ILE A 58 -4.15 -11.53 3.62
C ILE A 58 -5.22 -12.46 4.16
N SER A 59 -6.37 -11.92 4.54
CA SER A 59 -7.44 -12.70 5.13
CA SER A 59 -7.44 -12.71 5.12
C SER A 59 -8.76 -11.96 5.02
N GLN A 60 -9.87 -12.67 5.28
CA GLN A 60 -11.15 -11.99 5.34
C GLN A 60 -11.16 -11.07 6.56
N GLN A 61 -10.52 -11.49 7.64
CA GLN A 61 -10.36 -10.67 8.84
C GLN A 61 -9.72 -9.33 8.49
N GLY A 62 -8.76 -9.37 7.55
CA GLY A 62 -8.05 -8.18 7.14
C GLY A 62 -8.75 -7.39 6.05
N GLN A 63 -9.98 -7.78 5.68
CA GLN A 63 -10.74 -7.07 4.69
C GLN A 63 -11.48 -5.91 5.34
N GLY A 64 -11.47 -4.75 4.69
CA GLY A 64 -12.18 -3.60 5.20
C GLY A 64 -13.17 -3.02 4.20
N TYR A 65 -13.04 -3.40 2.94
CA TYR A 65 -13.86 -2.83 1.88
C TYR A 65 -14.43 -3.94 1.02
N ALA A 66 -15.61 -3.72 0.47
CA ALA A 66 -16.27 -4.73 -0.33
C ALA A 66 -15.59 -4.91 -1.68
N ASP A 67 -15.81 -6.09 -2.27
CA ASP A 67 -15.34 -6.41 -3.61
C ASP A 67 -13.84 -6.14 -3.81
N VAL A 68 -13.06 -6.37 -2.76
CA VAL A 68 -11.61 -6.20 -2.80
C VAL A 68 -10.94 -7.55 -2.96
N PRO A 69 -10.09 -7.69 -3.98
CA PRO A 69 -9.43 -8.97 -4.23
C PRO A 69 -8.45 -9.32 -3.11
N GLY A 70 -8.43 -10.58 -2.71
CA GLY A 70 -7.56 -11.00 -1.62
C GLY A 70 -6.48 -11.98 -2.07
N LEU A 71 -5.80 -12.56 -1.09
CA LEU A 71 -4.75 -13.53 -1.34
C LEU A 71 -4.98 -14.82 -0.57
N TYR A 72 -6.18 -14.98 -0.05
CA TYR A 72 -6.49 -16.08 0.87
C TYR A 72 -7.36 -17.19 0.25
N LYS A 73 -7.85 -16.95 -0.97
CA LYS A 73 -8.57 -18.00 -1.67
C LYS A 73 -7.74 -18.54 -2.82
N ARG A 74 -7.87 -19.84 -3.07
CA ARG A 74 -7.18 -20.49 -4.18
C ARG A 74 -7.60 -19.84 -5.50
N GLU A 75 -8.86 -19.44 -5.58
CA GLU A 75 -9.41 -18.86 -6.80
C GLU A 75 -8.82 -17.48 -7.03
N ALA A 76 -8.52 -16.76 -5.95
CA ALA A 76 -7.91 -15.43 -6.03
C ALA A 76 -6.48 -15.54 -6.54
N ILE A 77 -5.74 -16.51 -5.99
CA ILE A 77 -4.39 -16.77 -6.44
C ILE A 77 -4.37 -17.03 -7.95
N GLU A 78 -5.34 -17.81 -8.42
CA GLU A 78 -5.45 -18.12 -9.83
C GLU A 78 -5.78 -16.88 -10.67
N GLY A 79 -6.60 -16.01 -10.10
CA GLY A 79 -6.99 -14.77 -10.77
C GLY A 79 -5.83 -13.79 -10.87
N TRP A 80 -5.02 -13.71 -9.80
CA TRP A 80 -3.83 -12.87 -9.82
C TRP A 80 -2.80 -13.36 -10.83
N LYS A 81 -2.70 -14.66 -11.01
CA LYS A 81 -1.74 -15.24 -11.95
CA LYS A 81 -1.75 -15.25 -11.95
C LYS A 81 -1.99 -14.74 -13.37
N LYS A 82 -3.25 -14.52 -13.71
CA LYS A 82 -3.61 -14.02 -15.03
C LYS A 82 -3.23 -12.55 -15.13
N ILE A 83 -3.42 -11.82 -14.04
CA ILE A 83 -2.99 -10.43 -13.97
C ILE A 83 -1.47 -10.30 -14.09
N THR A 84 -0.72 -11.07 -13.30
CA THR A 84 0.73 -10.98 -13.39
C THR A 84 1.30 -11.47 -14.74
N ASP A 85 0.73 -12.53 -15.30
CA ASP A 85 1.14 -12.99 -16.63
C ASP A 85 0.94 -11.93 -17.71
N GLY A 86 -0.14 -11.15 -17.60
CA GLY A 86 -0.45 -10.17 -18.62
C GLY A 86 0.47 -8.96 -18.52
N VAL A 87 0.77 -8.58 -17.29
CA VAL A 87 1.65 -7.45 -17.03
C VAL A 87 3.07 -7.79 -17.52
N HIS A 88 3.52 -9.00 -17.20
CA HIS A 88 4.84 -9.46 -17.62
C HIS A 88 4.96 -9.58 -19.14
N SER A 89 3.90 -9.98 -19.82
CA SER A 89 3.92 -10.09 -21.28
C SER A 89 4.12 -8.72 -21.94
N ALA A 90 3.70 -7.66 -21.26
CA ALA A 90 3.90 -6.31 -21.78
C ALA A 90 5.22 -5.74 -21.27
N GLY A 91 6.03 -6.60 -20.67
CA GLY A 91 7.32 -6.21 -20.14
C GLY A 91 7.29 -5.42 -18.83
N GLY A 92 6.14 -5.44 -18.14
CA GLY A 92 6.00 -4.70 -16.89
C GLY A 92 6.53 -5.44 -15.68
N LYS A 93 6.40 -4.83 -14.51
CA LYS A 93 6.73 -5.48 -13.25
C LYS A 93 5.64 -5.15 -12.25
N ILE A 94 5.43 -6.04 -11.28
CA ILE A 94 4.28 -5.89 -10.41
C ILE A 94 4.46 -6.51 -9.02
N VAL A 95 4.07 -5.76 -7.99
CA VAL A 95 4.10 -6.24 -6.62
C VAL A 95 2.73 -6.13 -5.98
N ALA A 96 2.39 -7.12 -5.16
CA ALA A 96 1.11 -7.16 -4.47
C ALA A 96 1.19 -6.38 -3.15
N GLN A 97 0.29 -5.43 -2.94
CA GLN A 97 0.26 -4.73 -1.66
C GLN A 97 -0.53 -5.55 -0.64
N ILE A 98 0.17 -6.40 0.11
CA ILE A 98 -0.49 -7.26 1.10
C ILE A 98 -1.00 -6.44 2.29
N TRP A 99 -2.28 -6.64 2.60
CA TRP A 99 -3.04 -5.69 3.38
C TRP A 99 -3.70 -6.32 4.61
N HIS A 100 -3.75 -5.57 5.70
CA HIS A 100 -4.69 -5.87 6.77
C HIS A 100 -5.19 -4.55 7.32
N VAL A 101 -6.49 -4.35 7.19
CA VAL A 101 -7.12 -3.06 7.52
C VAL A 101 -7.22 -2.78 9.01
N GLY A 102 -7.08 -3.81 9.84
CA GLY A 102 -7.27 -3.63 11.26
C GLY A 102 -8.67 -3.14 11.57
N ARG A 103 -8.76 -2.05 12.35
CA ARG A 103 -10.05 -1.52 12.79
C ARG A 103 -10.87 -0.86 11.68
N ILE A 104 -10.28 -0.65 10.51
CA ILE A 104 -11.01 -0.02 9.41
C ILE A 104 -11.80 -1.07 8.66
N SER A 105 -12.97 -1.41 9.18
CA SER A 105 -13.78 -2.49 8.63
C SER A 105 -15.18 -2.49 9.22
N HIS A 106 -16.00 -3.43 8.77
CA HIS A 106 -17.40 -3.50 9.16
C HIS A 106 -17.74 -4.95 9.48
N THR A 107 -18.61 -5.15 10.47
CA THR A 107 -19.02 -6.51 10.85
C THR A 107 -19.47 -7.32 9.64
N SER A 108 -20.16 -6.67 8.70
CA SER A 108 -20.73 -7.37 7.55
C SER A 108 -19.65 -7.99 6.66
N LEU A 109 -18.41 -7.52 6.81
CA LEU A 109 -17.31 -8.02 5.99
C LEU A 109 -16.47 -9.02 6.79
N GLN A 110 -16.68 -9.02 8.10
CA GLN A 110 -15.92 -9.90 8.98
C GLN A 110 -16.51 -11.31 9.00
N PRO A 111 -15.64 -12.30 9.23
CA PRO A 111 -16.10 -13.68 9.46
C PRO A 111 -16.95 -13.72 10.71
N HIS A 112 -18.10 -14.41 10.64
CA HIS A 112 -19.04 -14.53 11.75
C HIS A 112 -19.66 -13.20 12.15
N GLY A 113 -19.53 -12.19 11.27
CA GLY A 113 -19.97 -10.85 11.58
C GLY A 113 -19.29 -10.34 12.84
N GLY A 114 -18.08 -10.83 13.09
CA GLY A 114 -17.32 -10.46 14.26
C GLY A 114 -16.85 -9.02 14.25
N GLN A 115 -16.29 -8.59 15.37
CA GLN A 115 -15.68 -7.27 15.48
C GLN A 115 -14.37 -7.25 14.69
N PRO A 116 -14.11 -6.14 13.99
CA PRO A 116 -12.79 -5.94 13.38
C PRO A 116 -11.70 -6.00 14.45
N VAL A 117 -10.49 -6.39 14.07
CA VAL A 117 -9.42 -6.50 15.06
C VAL A 117 -8.47 -5.30 15.02
N ALA A 118 -7.86 -5.00 16.16
CA ALA A 118 -7.04 -3.81 16.33
C ALA A 118 -6.18 -3.98 17.57
N PRO A 119 -5.08 -3.22 17.69
CA PRO A 119 -4.26 -3.29 18.90
C PRO A 119 -5.00 -2.83 20.15
N SER A 120 -5.87 -1.84 20.00
CA SER A 120 -6.66 -1.35 21.11
C SER A 120 -8.10 -1.14 20.65
N ALA A 121 -9.04 -1.35 21.56
CA ALA A 121 -10.45 -1.31 21.20
C ALA A 121 -10.94 0.13 21.03
N ILE A 122 -10.42 0.82 20.03
CA ILE A 122 -10.80 2.21 19.80
C ILE A 122 -11.42 2.35 18.42
N THR A 123 -12.69 2.74 18.40
CA THR A 123 -13.42 2.86 17.14
C THR A 123 -12.94 4.05 16.34
N ALA A 124 -12.56 3.81 15.08
CA ALA A 124 -12.23 4.89 14.18
C ALA A 124 -13.49 5.64 13.73
N LYS A 125 -13.40 6.96 13.68
CA LYS A 125 -14.39 7.76 12.98
C LYS A 125 -14.06 7.73 11.49
N SER A 126 -14.31 6.60 10.85
CA SER A 126 -14.03 6.49 9.43
C SER A 126 -15.16 5.77 8.71
N LYS A 127 -15.00 5.60 7.41
CA LYS A 127 -16.01 4.93 6.62
C LYS A 127 -15.40 3.89 5.69
N THR A 128 -16.21 2.89 5.36
CA THR A 128 -15.79 1.88 4.40
C THR A 128 -16.83 1.71 3.31
N TYR A 129 -16.41 1.06 2.22
CA TYR A 129 -17.27 0.81 1.08
C TYR A 129 -17.87 -0.58 1.18
N ILE A 130 -19.18 -0.64 1.38
CA ILE A 130 -19.91 -1.89 1.48
C ILE A 130 -20.98 -1.96 0.39
N ILE A 131 -21.36 -3.19 0.01
CA ILE A 131 -22.38 -3.36 -1.01
C ILE A 131 -23.69 -3.85 -0.38
N ASN A 132 -24.79 -3.16 -0.66
CA ASN A 132 -26.10 -3.61 -0.23
C ASN A 132 -26.55 -4.82 -1.04
N ASP A 133 -27.59 -5.50 -0.55
CA ASP A 133 -28.10 -6.69 -1.20
C ASP A 133 -28.65 -6.36 -2.59
N ASP A 134 -29.12 -5.11 -2.77
CA ASP A 134 -29.60 -4.68 -4.08
C ASP A 134 -28.50 -4.21 -5.02
N GLY A 135 -27.25 -4.34 -4.57
CA GLY A 135 -26.08 -4.07 -5.40
C GLY A 135 -25.48 -2.68 -5.27
N THR A 136 -26.27 -1.72 -4.80
CA THR A 136 -25.77 -0.35 -4.70
C THR A 136 -24.66 -0.22 -3.67
N GLY A 137 -23.58 0.43 -4.09
CA GLY A 137 -22.45 0.70 -3.21
C GLY A 137 -22.79 1.82 -2.24
N ALA A 138 -22.16 1.79 -1.07
CA ALA A 138 -22.43 2.78 -0.05
C ALA A 138 -21.23 2.96 0.85
N PHE A 139 -21.20 4.08 1.56
CA PHE A 139 -20.19 4.31 2.57
C PHE A 139 -20.84 4.20 3.94
N ALA A 140 -20.21 3.46 4.84
CA ALA A 140 -20.78 3.22 6.15
C ALA A 140 -19.73 3.34 7.25
N GLU A 141 -20.17 3.72 8.44
CA GLU A 141 -19.28 3.85 9.59
C GLU A 141 -18.60 2.54 9.92
N THR A 142 -17.31 2.59 10.21
CA THR A 142 -16.56 1.40 10.57
C THR A 142 -17.03 0.87 11.91
N SER A 143 -16.89 -0.43 12.13
CA SER A 143 -17.45 -1.09 13.30
C SER A 143 -16.51 -1.00 14.51
N GLU A 144 -17.07 -1.27 15.68
CA GLU A 144 -16.27 -1.31 16.90
C GLU A 144 -15.24 -2.44 16.86
N PRO A 145 -13.99 -2.11 17.17
CA PRO A 145 -12.95 -3.14 17.14
C PRO A 145 -12.76 -3.90 18.46
N ARG A 146 -12.09 -5.04 18.34
CA ARG A 146 -11.70 -5.86 19.47
C ARG A 146 -10.18 -5.76 19.63
N ALA A 147 -9.71 -5.69 20.87
CA ALA A 147 -8.28 -5.67 21.15
C ALA A 147 -7.68 -7.04 20.90
N LEU A 148 -6.58 -7.07 20.15
CA LEU A 148 -5.92 -8.31 19.79
C LEU A 148 -5.19 -8.91 21.00
N THR A 149 -5.17 -10.23 21.10
CA THR A 149 -4.32 -10.90 22.06
C THR A 149 -3.04 -11.29 21.36
N ILE A 150 -2.03 -11.73 22.09
CA ILE A 150 -0.80 -12.19 21.44
C ILE A 150 -1.00 -13.39 20.52
N ASP A 151 -2.03 -14.20 20.80
CA ASP A 151 -2.32 -15.36 19.97
C ASP A 151 -2.93 -14.93 18.65
N ASP A 152 -3.90 -14.02 18.71
CA ASP A 152 -4.45 -13.38 17.52
C ASP A 152 -3.30 -12.86 16.66
N ILE A 153 -2.34 -12.22 17.30
CA ILE A 153 -1.21 -11.63 16.61
C ILE A 153 -0.37 -12.71 15.93
N GLY A 154 -0.16 -13.83 16.62
CA GLY A 154 0.54 -14.97 16.04
C GLY A 154 -0.18 -15.49 14.80
N LEU A 155 -1.50 -15.48 14.84
CA LEU A 155 -2.30 -15.92 13.71
C LEU A 155 -2.21 -14.94 12.53
N ILE A 156 -2.27 -13.65 12.83
CA ILE A 156 -2.14 -12.64 11.78
C ILE A 156 -0.76 -12.76 11.10
N LEU A 157 0.29 -12.96 11.88
CA LEU A 157 1.64 -13.16 11.35
C LEU A 157 1.69 -14.35 10.38
N GLU A 158 1.02 -15.44 10.74
CA GLU A 158 0.90 -16.59 9.85
C GLU A 158 0.20 -16.20 8.56
N ASP A 159 -0.85 -15.39 8.67
CA ASP A 159 -1.59 -14.93 7.51
C ASP A 159 -0.69 -14.11 6.60
N TYR A 160 0.23 -13.35 7.20
CA TYR A 160 1.20 -12.63 6.38
C TYR A 160 2.12 -13.60 5.62
N ARG A 161 2.59 -14.65 6.30
CA ARG A 161 3.47 -15.62 5.65
C ARG A 161 2.78 -16.28 4.46
N SER A 162 1.54 -16.74 4.68
CA SER A 162 0.71 -17.31 3.62
C SER A 162 0.46 -16.30 2.51
N GLY A 163 0.12 -15.07 2.90
CA GLY A 163 -0.13 -14.02 1.94
C GLY A 163 1.05 -13.86 1.00
N ALA A 164 2.24 -13.77 1.57
CA ALA A 164 3.47 -13.56 0.81
C ALA A 164 3.74 -14.76 -0.10
N ARG A 165 3.56 -15.95 0.46
CA ARG A 165 3.69 -17.20 -0.26
C ARG A 165 2.72 -17.22 -1.44
N ALA A 166 1.49 -16.78 -1.21
CA ALA A 166 0.47 -16.73 -2.25
C ALA A 166 0.90 -15.80 -3.37
N ALA A 167 1.39 -14.62 -3.01
CA ALA A 167 1.83 -13.64 -4.00
C ALA A 167 2.92 -14.20 -4.89
N LEU A 168 3.90 -14.89 -4.30
CA LEU A 168 4.94 -15.53 -5.10
C LEU A 168 4.32 -16.58 -6.02
N GLU A 169 3.47 -17.43 -5.46
CA GLU A 169 2.77 -18.43 -6.27
C GLU A 169 1.96 -17.77 -7.39
N ALA A 170 1.40 -16.60 -7.12
CA ALA A 170 0.61 -15.89 -8.12
C ALA A 170 1.44 -15.23 -9.24
N GLY A 171 2.77 -15.35 -9.16
CA GLY A 171 3.63 -14.81 -10.20
C GLY A 171 4.06 -13.36 -9.97
N PHE A 172 3.73 -12.82 -8.81
CA PHE A 172 4.18 -11.45 -8.46
C PHE A 172 5.70 -11.37 -8.37
N ASP A 173 6.22 -10.18 -8.60
CA ASP A 173 7.66 -9.95 -8.55
C ASP A 173 8.10 -9.75 -7.10
N GLY A 174 7.13 -9.48 -6.24
CA GLY A 174 7.36 -9.34 -4.81
C GLY A 174 6.12 -8.77 -4.16
N VAL A 175 6.28 -8.27 -2.93
CA VAL A 175 5.16 -7.62 -2.25
C VAL A 175 5.57 -6.27 -1.65
N GLU A 176 4.56 -5.40 -1.52
CA GLU A 176 4.69 -4.20 -0.72
C GLU A 176 3.84 -4.40 0.53
N ILE A 177 4.47 -4.38 1.69
CA ILE A 177 3.72 -4.46 2.94
C ILE A 177 3.01 -3.14 3.20
N HIS A 178 1.68 -3.18 3.23
CA HIS A 178 0.90 -1.98 3.54
C HIS A 178 1.00 -1.66 5.03
N ALA A 179 1.80 -0.65 5.36
CA ALA A 179 2.00 -0.20 6.73
C ALA A 179 1.60 1.26 6.86
N ALA A 180 0.71 1.70 5.97
CA ALA A 180 0.40 3.11 5.87
C ALA A 180 -1.07 3.40 6.09
N ASN A 181 -1.43 4.67 6.01
CA ASN A 181 -2.81 5.12 5.91
C ASN A 181 -3.77 4.63 7.03
N GLY A 182 -3.26 4.54 8.25
CA GLY A 182 -4.09 4.21 9.39
C GLY A 182 -4.61 2.79 9.46
N TYR A 183 -3.99 1.87 8.72
CA TYR A 183 -4.41 0.46 8.81
C TYR A 183 -3.71 -0.28 9.94
N LEU A 184 -3.87 -1.60 10.01
CA LEU A 184 -3.47 -2.39 11.18
C LEU A 184 -2.07 -2.07 11.71
N ILE A 185 -1.07 -2.18 10.83
CA ILE A 185 0.32 -2.01 11.23
C ILE A 185 0.54 -0.61 11.80
N GLU A 186 -0.07 0.38 11.18
CA GLU A 186 0.04 1.75 11.66
C GLU A 186 -0.69 1.94 12.97
N GLN A 187 -1.76 1.17 13.17
CA GLN A 187 -2.51 1.22 14.41
C GLN A 187 -1.61 0.84 15.57
N PHE A 188 -0.76 -0.14 15.36
CA PHE A 188 0.25 -0.50 16.35
C PHE A 188 1.29 0.61 16.50
N LEU A 189 1.67 1.23 15.38
CA LEU A 189 2.74 2.23 15.38
C LEU A 189 2.39 3.52 16.11
N LYS A 190 1.15 3.97 15.94
CA LYS A 190 0.79 5.34 16.33
C LYS A 190 0.05 5.40 17.66
N SER A 191 0.35 6.44 18.44
CA SER A 191 -0.13 6.56 19.83
CA SER A 191 -0.13 6.53 19.83
C SER A 191 -1.65 6.68 19.97
N SER A 192 -2.32 7.27 18.99
CA SER A 192 -3.77 7.49 19.10
C SER A 192 -4.55 6.20 18.98
N THR A 193 -3.93 5.17 18.40
CA THR A 193 -4.56 3.88 18.16
C THR A 193 -4.02 2.81 19.09
N ASN A 194 -2.83 3.02 19.63
CA ASN A 194 -2.21 2.02 20.49
C ASN A 194 -2.14 2.47 21.95
N GLN A 195 -2.97 1.88 22.78
CA GLN A 195 -2.91 2.14 24.22
C GLN A 195 -2.63 0.85 24.99
N ARG A 196 -1.98 -0.11 24.31
CA ARG A 196 -1.63 -1.38 24.92
C ARG A 196 -0.62 -1.22 26.04
N THR A 197 -0.57 -2.18 26.95
CA THR A 197 0.36 -2.15 28.08
C THR A 197 1.28 -3.38 28.08
N ASP A 198 1.30 -4.12 26.98
CA ASP A 198 2.22 -5.25 26.83
C ASP A 198 3.43 -4.88 25.98
N ASP A 199 4.13 -5.88 25.45
CA ASP A 199 5.29 -5.66 24.57
C ASP A 199 4.97 -4.96 23.26
N TYR A 200 3.71 -4.66 22.99
CA TYR A 200 3.35 -3.98 21.73
C TYR A 200 2.87 -2.56 21.96
N GLY A 201 2.92 -2.10 23.21
CA GLY A 201 2.45 -0.77 23.53
C GLY A 201 3.48 0.03 24.31
N GLY A 202 3.27 1.35 24.37
CA GLY A 202 4.11 2.23 25.15
C GLY A 202 5.24 2.83 24.34
N SER A 203 6.44 2.30 24.57
CA SER A 203 7.63 2.81 23.91
C SER A 203 7.57 2.69 22.38
N ILE A 204 8.45 3.42 21.72
CA ILE A 204 8.62 3.37 20.29
C ILE A 204 8.99 1.95 19.82
N GLU A 205 9.93 1.35 20.55
CA GLU A 205 10.43 0.01 20.25
C GLU A 205 9.30 -1.01 20.22
N ASN A 206 8.47 -0.97 21.26
CA ASN A 206 7.30 -1.82 21.36
C ASN A 206 6.26 -1.56 20.24
N ARG A 207 6.03 -0.29 19.92
CA ARG A 207 4.99 0.04 18.94
C ARG A 207 5.40 -0.34 17.52
N ALA A 208 6.71 -0.45 17.32
CA ALA A 208 7.28 -0.80 16.03
C ALA A 208 7.45 -2.30 15.91
N ARG A 209 7.35 -2.99 17.04
CA ARG A 209 7.56 -4.44 17.09
C ARG A 209 6.72 -5.19 16.07
N PHE A 210 5.44 -4.85 15.96
CA PHE A 210 4.55 -5.59 15.09
C PHE A 210 4.95 -5.38 13.62
N LEU A 211 5.15 -4.12 13.24
CA LEU A 211 5.68 -3.79 11.92
C LEU A 211 6.90 -4.64 11.58
N LEU A 212 7.88 -4.68 12.48
CA LEU A 212 9.11 -5.44 12.23
C LEU A 212 8.90 -6.96 12.17
N GLU A 213 7.92 -7.49 12.91
CA GLU A 213 7.61 -8.92 12.83
C GLU A 213 7.01 -9.28 11.46
N VAL A 214 6.13 -8.42 10.98
CA VAL A 214 5.52 -8.58 9.67
C VAL A 214 6.57 -8.58 8.57
N VAL A 215 7.42 -7.57 8.60
CA VAL A 215 8.53 -7.48 7.65
C VAL A 215 9.41 -8.73 7.70
N ASP A 216 9.82 -9.14 8.91
CA ASP A 216 10.69 -10.30 9.07
C ASP A 216 10.00 -11.57 8.61
N ALA A 217 8.70 -11.67 8.85
CA ALA A 217 7.93 -12.83 8.44
C ALA A 217 7.81 -12.90 6.92
N VAL A 218 7.48 -11.77 6.31
CA VAL A 218 7.32 -11.71 4.87
C VAL A 218 8.64 -11.96 4.15
N ALA A 219 9.68 -11.28 4.61
CA ALA A 219 11.01 -11.40 4.00
C ALA A 219 11.59 -12.81 4.17
N GLU A 220 11.29 -13.45 5.29
CA GLU A 220 11.75 -14.82 5.53
C GLU A 220 11.14 -15.76 4.49
N GLU A 221 9.93 -15.45 4.09
CA GLU A 221 9.16 -16.32 3.21
C GLU A 221 9.56 -16.16 1.75
N ILE A 222 9.72 -14.93 1.28
CA ILE A 222 9.88 -14.68 -0.16
C ILE A 222 11.22 -14.09 -0.55
N GLY A 223 11.98 -13.64 0.45
CA GLY A 223 13.23 -12.96 0.21
C GLY A 223 13.16 -11.48 0.56
N ALA A 224 14.14 -11.01 1.33
CA ALA A 224 14.24 -9.58 1.62
C ALA A 224 14.30 -8.79 0.31
N GLY A 225 15.04 -9.33 -0.66
CA GLY A 225 15.21 -8.68 -1.95
C GLY A 225 13.96 -8.50 -2.79
N ARG A 226 12.84 -9.06 -2.32
CA ARG A 226 11.57 -8.87 -3.01
C ARG A 226 10.49 -8.30 -2.08
N THR A 227 10.91 -7.85 -0.89
CA THR A 227 9.99 -7.33 0.12
C THR A 227 10.09 -5.81 0.26
N GLY A 228 8.99 -5.11 -0.03
CA GLY A 228 8.94 -3.68 0.18
C GLY A 228 7.89 -3.34 1.23
N ILE A 229 7.77 -2.06 1.56
CA ILE A 229 6.82 -1.61 2.58
C ILE A 229 6.41 -0.17 2.33
N ARG A 230 5.13 0.14 2.53
CA ARG A 230 4.67 1.52 2.40
C ARG A 230 4.48 2.16 3.76
N LEU A 231 5.02 3.37 3.93
CA LEU A 231 4.87 4.13 5.16
C LEU A 231 4.23 5.49 4.85
N SER A 232 3.56 6.05 5.85
CA SER A 232 2.95 7.37 5.73
C SER A 232 3.03 8.07 7.07
N PRO A 233 4.16 8.73 7.33
CA PRO A 233 4.53 9.24 8.66
C PRO A 233 3.52 10.17 9.33
N VAL A 234 2.83 11.02 8.58
CA VAL A 234 1.98 12.05 9.18
C VAL A 234 0.56 12.07 8.64
N THR A 235 0.20 11.07 7.86
CA THR A 235 -1.14 11.03 7.28
C THR A 235 -2.25 10.96 8.35
N PRO A 236 -3.32 11.73 8.13
CA PRO A 236 -4.52 11.75 8.98
C PRO A 236 -5.54 10.73 8.51
N ALA A 237 -5.24 10.01 7.43
CA ALA A 237 -6.11 8.97 6.88
C ALA A 237 -6.63 8.05 7.96
N ASN A 238 -7.94 7.80 7.93
CA ASN A 238 -8.59 6.88 8.86
C ASN A 238 -8.41 7.24 10.34
N ASP A 239 -8.50 8.54 10.63
CA ASP A 239 -8.69 9.05 11.99
C ASP A 239 -7.50 8.79 12.89
N ILE A 240 -6.34 8.53 12.29
CA ILE A 240 -5.13 8.22 13.04
C ILE A 240 -4.30 9.48 13.33
N PHE A 241 -3.53 9.43 14.42
CA PHE A 241 -2.70 10.56 14.86
C PHE A 241 -1.49 10.12 15.69
N GLU A 242 -0.37 10.81 15.50
CA GLU A 242 0.82 10.61 16.32
C GLU A 242 1.47 11.96 16.62
N ALA A 243 1.69 12.25 17.90
CA ALA A 243 2.26 13.52 18.32
C ALA A 243 3.75 13.66 17.99
N ASP A 244 4.51 12.56 18.04
CA ASP A 244 5.94 12.62 17.76
CA ASP A 244 5.94 12.61 17.75
C ASP A 244 6.36 11.67 16.64
N PRO A 245 5.96 11.97 15.40
CA PRO A 245 6.33 11.08 14.28
C PRO A 245 7.84 10.93 14.03
N GLN A 246 8.64 11.98 14.22
CA GLN A 246 10.08 11.91 13.90
C GLN A 246 10.85 10.78 14.62
N PRO A 247 10.81 10.74 15.97
CA PRO A 247 11.60 9.71 16.64
C PRO A 247 11.08 8.33 16.29
N LEU A 248 9.77 8.19 16.26
CA LEU A 248 9.12 6.92 15.90
C LEU A 248 9.55 6.45 14.51
N TYR A 249 9.37 7.29 13.51
CA TYR A 249 9.62 6.90 12.13
C TYR A 249 11.10 6.79 11.75
N ASN A 250 11.93 7.62 12.37
CA ASN A 250 13.38 7.48 12.22
C ASN A 250 13.82 6.12 12.75
N TYR A 251 13.28 5.72 13.89
CA TYR A 251 13.60 4.41 14.47
C TYR A 251 13.17 3.27 13.56
N VAL A 252 11.96 3.35 13.03
CA VAL A 252 11.48 2.38 12.07
C VAL A 252 12.45 2.15 10.89
N VAL A 253 12.80 3.22 10.16
CA VAL A 253 13.65 3.04 8.99
C VAL A 253 15.09 2.65 9.33
N GLU A 254 15.51 2.95 10.57
CA GLU A 254 16.80 2.48 11.04
C GLU A 254 16.76 0.96 11.07
N GLN A 255 15.65 0.43 11.59
CA GLN A 255 15.49 -1.01 11.64
C GLN A 255 15.32 -1.61 10.24
N LEU A 256 14.57 -0.92 9.37
CA LEU A 256 14.37 -1.40 8.01
C LEU A 256 15.68 -1.32 7.24
N GLY A 257 16.54 -0.40 7.65
CA GLY A 257 17.84 -0.23 7.03
C GLY A 257 18.75 -1.41 7.26
N LYS A 258 18.41 -2.25 8.24
CA LYS A 258 19.24 -3.41 8.58
C LYS A 258 18.77 -4.68 7.88
N ARG A 259 17.71 -4.57 7.08
CA ARG A 259 17.02 -5.74 6.61
C ARG A 259 17.05 -6.01 5.11
N ASN A 260 17.93 -5.32 4.39
CA ASN A 260 18.15 -5.55 2.95
CA ASN A 260 18.14 -5.56 2.97
C ASN A 260 16.88 -5.59 2.11
N LEU A 261 15.94 -4.72 2.42
CA LEU A 261 14.67 -4.65 1.70
C LEU A 261 14.78 -4.11 0.27
N ALA A 262 13.79 -4.42 -0.57
CA ALA A 262 13.80 -4.00 -1.98
C ALA A 262 13.44 -2.55 -2.14
N PHE A 263 12.47 -2.06 -1.38
CA PHE A 263 12.03 -0.67 -1.53
C PHE A 263 11.32 -0.11 -0.31
N ILE A 264 11.41 1.20 -0.16
CA ILE A 264 10.64 1.90 0.86
C ILE A 264 9.76 2.87 0.08
N HIS A 265 8.47 2.80 0.33
CA HIS A 265 7.50 3.65 -0.37
C HIS A 265 6.85 4.59 0.64
N VAL A 266 7.06 5.88 0.44
CA VAL A 266 6.69 6.90 1.42
C VAL A 266 5.60 7.82 0.91
N VAL A 267 4.49 7.87 1.64
CA VAL A 267 3.45 8.87 1.36
C VAL A 267 3.87 10.14 2.07
N GLU A 268 4.13 11.19 1.30
CA GLU A 268 4.61 12.46 1.86
C GLU A 268 3.44 13.41 2.15
N GLY A 269 3.15 13.60 3.43
CA GLY A 269 2.05 14.45 3.85
C GLY A 269 0.74 13.70 4.07
N ALA A 270 -0.38 14.43 4.01
CA ALA A 270 -1.69 13.81 4.09
C ALA A 270 -1.99 13.02 2.81
N THR A 271 -2.38 11.76 2.96
CA THR A 271 -2.65 10.90 1.81
C THR A 271 -3.73 11.51 0.93
N GLY A 272 -3.36 11.93 -0.28
CA GLY A 272 -4.27 12.61 -1.17
C GLY A 272 -4.54 14.05 -0.74
N GLY A 273 -3.82 14.52 0.27
CA GLY A 273 -3.93 15.90 0.74
C GLY A 273 -2.63 16.68 0.64
N PRO A 274 -2.50 17.76 1.43
CA PRO A 274 -1.31 18.63 1.40
C PRO A 274 -0.01 17.87 1.71
N ARG A 275 1.02 18.09 0.89
CA ARG A 275 2.30 17.44 1.10
C ARG A 275 2.99 17.93 2.37
N ASP A 276 2.65 19.15 2.78
CA ASP A 276 3.29 19.76 3.93
C ASP A 276 2.45 19.60 5.20
N PHE A 277 1.60 18.59 5.22
CA PHE A 277 0.79 18.30 6.40
C PHE A 277 1.68 17.95 7.59
N LYS A 278 1.31 18.37 8.79
CA LYS A 278 2.04 17.95 9.98
C LYS A 278 1.13 17.45 11.10
N GLN A 279 1.66 16.54 11.92
CA GLN A 279 0.98 16.16 13.15
C GLN A 279 1.90 16.42 14.33
N GLY A 280 1.37 17.05 15.37
CA GLY A 280 2.19 17.40 16.51
C GLY A 280 2.85 18.74 16.28
N ASP A 281 3.84 19.07 17.11
CA ASP A 281 4.34 20.42 17.12
C ASP A 281 5.29 20.71 15.96
N LYS A 282 6.25 19.82 15.73
CA LYS A 282 7.27 20.06 14.73
C LYS A 282 6.98 19.38 13.38
N PRO A 283 7.21 20.11 12.28
CA PRO A 283 7.01 19.57 10.93
C PRO A 283 7.89 18.34 10.76
N PHE A 284 7.43 17.37 9.98
CA PHE A 284 8.22 16.16 9.78
C PHE A 284 9.41 16.47 8.90
N ASP A 285 10.55 15.84 9.20
CA ASP A 285 11.78 16.09 8.47
C ASP A 285 12.11 14.90 7.58
N TYR A 286 11.66 14.98 6.33
CA TYR A 286 11.79 13.88 5.38
C TYR A 286 13.24 13.57 5.03
N ALA A 287 14.07 14.60 4.98
CA ALA A 287 15.49 14.40 4.71
C ALA A 287 16.17 13.64 5.86
N SER A 288 15.83 13.99 7.10
CA SER A 288 16.37 13.32 8.27
C SER A 288 15.88 11.86 8.34
N PHE A 289 14.61 11.69 8.00
CA PHE A 289 13.96 10.38 7.89
C PHE A 289 14.69 9.47 6.90
N LYS A 290 14.83 9.93 5.66
CA LYS A 290 15.56 9.16 4.65
C LYS A 290 17.04 8.96 5.05
N ALA A 291 17.61 9.93 5.75
CA ALA A 291 18.99 9.79 6.21
C ALA A 291 19.13 8.66 7.24
N ALA A 292 18.14 8.53 8.11
CA ALA A 292 18.16 7.47 9.10
C ALA A 292 18.14 6.08 8.43
N TYR A 293 17.44 5.98 7.31
CA TYR A 293 17.38 4.73 6.58
C TYR A 293 18.73 4.43 5.94
N ARG A 294 19.24 5.39 5.17
CA ARG A 294 20.52 5.24 4.49
C ARG A 294 21.67 5.01 5.46
N ASN A 295 21.71 5.79 6.55
CA ASN A 295 22.79 5.68 7.55
C ASN A 295 22.81 4.34 8.27
N ALA A 296 21.66 3.67 8.32
CA ALA A 296 21.62 2.35 8.94
C ALA A 296 22.04 1.25 7.97
N GLY A 297 22.28 1.64 6.70
CA GLY A 297 22.75 0.72 5.69
C GLY A 297 21.71 0.40 4.62
N GLY A 298 20.55 1.04 4.72
CA GLY A 298 19.42 0.79 3.83
C GLY A 298 19.74 1.07 2.37
N LYS A 299 19.60 0.04 1.54
CA LYS A 299 19.88 0.15 0.12
C LYS A 299 18.62 0.05 -0.73
N GLY A 300 17.46 0.08 -0.08
CA GLY A 300 16.21 -0.02 -0.79
C GLY A 300 15.96 1.16 -1.70
N LEU A 301 15.31 0.90 -2.82
CA LEU A 301 14.89 1.95 -3.73
C LEU A 301 13.89 2.85 -3.00
N TRP A 302 14.12 4.16 -3.03
CA TRP A 302 13.24 5.09 -2.32
C TRP A 302 12.18 5.65 -3.25
N ILE A 303 10.94 5.20 -3.04
CA ILE A 303 9.81 5.59 -3.88
C ILE A 303 8.93 6.60 -3.15
N ALA A 304 8.81 7.81 -3.69
CA ALA A 304 7.97 8.80 -3.02
C ALA A 304 6.62 8.99 -3.70
N ASN A 305 5.63 9.37 -2.89
CA ASN A 305 4.27 9.59 -3.37
C ASN A 305 3.59 10.77 -2.70
N ASN A 306 2.66 11.38 -3.45
CA ASN A 306 1.59 12.27 -2.99
C ASN A 306 1.64 13.68 -3.57
N GLY A 307 0.69 13.99 -4.45
CA GLY A 307 0.60 15.30 -5.07
C GLY A 307 1.70 15.62 -6.05
N TYR A 308 2.40 14.60 -6.55
CA TYR A 308 3.43 14.83 -7.56
C TYR A 308 2.84 15.04 -8.94
N ASP A 309 3.44 15.93 -9.72
CA ASP A 309 3.14 15.99 -11.17
C ASP A 309 4.42 15.75 -11.97
N ARG A 310 4.36 15.95 -13.28
CA ARG A 310 5.50 15.64 -14.15
C ARG A 310 6.78 16.39 -13.79
N GLN A 311 6.67 17.72 -13.67
CA GLN A 311 7.84 18.54 -13.42
C GLN A 311 8.43 18.28 -12.04
N SER A 312 7.57 18.17 -11.03
CA SER A 312 8.02 17.92 -9.66
C SER A 312 8.60 16.52 -9.55
N ALA A 313 8.09 15.60 -10.37
CA ALA A 313 8.59 14.23 -10.36
C ALA A 313 9.97 14.16 -10.98
N ILE A 314 10.15 14.85 -12.10
CA ILE A 314 11.44 14.94 -12.75
C ILE A 314 12.47 15.55 -11.79
N GLU A 315 12.13 16.68 -11.18
CA GLU A 315 13.05 17.36 -10.28
C GLU A 315 13.38 16.54 -9.02
N ALA A 316 12.38 15.82 -8.51
CA ALA A 316 12.56 15.03 -7.30
C ALA A 316 13.62 13.96 -7.54
N VAL A 317 13.56 13.33 -8.70
CA VAL A 317 14.50 12.30 -9.08
C VAL A 317 15.88 12.85 -9.48
N GLU A 318 15.90 13.92 -10.28
CA GLU A 318 17.17 14.59 -10.64
C GLU A 318 17.98 15.01 -9.41
N SER A 319 17.30 15.66 -8.45
CA SER A 319 17.94 16.12 -7.23
C SER A 319 18.49 14.98 -6.36
N GLY A 320 17.96 13.78 -6.57
CA GLY A 320 18.36 12.63 -5.77
C GLY A 320 17.65 12.56 -4.43
N LYS A 321 16.63 13.38 -4.24
CA LYS A 321 15.79 13.32 -3.04
C LYS A 321 15.03 11.99 -2.99
N VAL A 322 14.57 11.55 -4.15
CA VAL A 322 13.86 10.28 -4.26
C VAL A 322 14.46 9.47 -5.43
N ASP A 323 14.22 8.16 -5.46
CA ASP A 323 14.74 7.34 -6.56
C ASP A 323 13.68 7.10 -7.63
N ALA A 324 12.41 7.26 -7.25
CA ALA A 324 11.28 6.95 -8.12
C ALA A 324 10.02 7.59 -7.57
N VAL A 325 9.03 7.81 -8.43
CA VAL A 325 7.80 8.46 -8.00
C VAL A 325 6.57 7.60 -8.25
N ALA A 326 5.70 7.49 -7.26
CA ALA A 326 4.45 6.75 -7.42
C ALA A 326 3.28 7.70 -7.66
N PHE A 327 2.54 7.47 -8.75
CA PHE A 327 1.34 8.24 -9.05
C PHE A 327 0.08 7.42 -8.82
N GLY A 328 -0.86 7.98 -8.09
CA GLY A 328 -2.15 7.35 -7.87
C GLY A 328 -3.15 7.79 -8.93
N LYS A 329 -3.82 8.90 -8.66
CA LYS A 329 -4.93 9.37 -9.49
C LYS A 329 -4.58 9.53 -10.97
N ALA A 330 -3.33 9.89 -11.24
CA ALA A 330 -2.89 10.09 -12.62
C ALA A 330 -2.87 8.77 -13.39
N PHE A 331 -2.64 7.68 -12.67
CA PHE A 331 -2.61 6.35 -13.28
C PHE A 331 -4.00 5.75 -13.43
N ILE A 332 -4.91 6.16 -12.55
CA ILE A 332 -6.31 5.87 -12.76
C ILE A 332 -6.72 6.43 -14.12
N ALA A 333 -6.41 7.71 -14.33
CA ALA A 333 -6.90 8.44 -15.50
C ALA A 333 -6.09 8.18 -16.77
N ASN A 334 -4.87 7.67 -16.60
CA ASN A 334 -3.96 7.56 -17.75
C ASN A 334 -3.29 6.22 -17.81
N PRO A 335 -3.87 5.30 -18.60
CA PRO A 335 -3.23 4.00 -18.78
C PRO A 335 -1.83 4.17 -19.33
N ASP A 336 -1.65 5.13 -20.24
CA ASP A 336 -0.35 5.36 -20.87
C ASP A 336 0.37 6.54 -20.25
N LEU A 337 0.34 6.61 -18.92
CA LEU A 337 0.95 7.72 -18.19
C LEU A 337 2.44 7.88 -18.49
N VAL A 338 3.16 6.77 -18.60
CA VAL A 338 4.60 6.81 -18.86
C VAL A 338 4.93 7.48 -20.19
N ARG A 339 4.25 7.06 -21.26
CA ARG A 339 4.41 7.68 -22.55
C ARG A 339 4.08 9.17 -22.54
N ARG A 340 2.97 9.51 -21.91
CA ARG A 340 2.55 10.90 -21.78
C ARG A 340 3.60 11.73 -21.05
N LEU A 341 4.16 11.20 -19.98
CA LEU A 341 5.20 11.92 -19.25
C LEU A 341 6.48 12.07 -20.10
N LYS A 342 6.90 10.97 -20.73
CA LYS A 342 8.05 10.98 -21.63
C LYS A 342 7.95 12.06 -22.71
N ASN A 343 6.79 12.18 -23.34
CA ASN A 343 6.62 13.12 -24.45
C ASN A 343 5.98 14.43 -24.01
N ASP A 344 5.80 14.59 -22.70
CA ASP A 344 5.12 15.76 -22.14
C ASP A 344 3.77 16.01 -22.84
N ALA A 345 3.02 14.94 -23.04
CA ALA A 345 1.68 15.00 -23.62
C ALA A 345 0.67 15.38 -22.52
N PRO A 346 -0.48 15.95 -22.93
CA PRO A 346 -1.52 16.31 -21.94
C PRO A 346 -2.01 15.09 -21.16
N LEU A 347 -2.71 15.32 -20.04
CA LEU A 347 -3.19 14.21 -19.21
C LEU A 347 -4.70 14.23 -19.01
N ASN A 348 -5.31 13.04 -19.04
CA ASN A 348 -6.72 12.94 -18.74
C ASN A 348 -6.99 13.27 -17.28
N ALA A 349 -8.15 13.87 -17.03
CA ALA A 349 -8.57 14.14 -15.67
C ALA A 349 -9.24 12.88 -15.12
N PRO A 350 -8.95 12.55 -13.85
CA PRO A 350 -9.62 11.42 -13.19
C PRO A 350 -11.09 11.72 -12.92
N ASN A 351 -11.93 10.69 -12.96
CA ASN A 351 -13.34 10.82 -12.60
C ASN A 351 -13.58 10.21 -11.22
N GLN A 352 -13.55 11.04 -10.19
CA GLN A 352 -13.66 10.58 -8.81
C GLN A 352 -14.92 9.74 -8.52
N PRO A 353 -16.07 10.08 -9.15
CA PRO A 353 -17.22 9.22 -8.87
C PRO A 353 -17.09 7.76 -9.34
N THR A 354 -16.12 7.46 -10.20
CA THR A 354 -15.94 6.08 -10.64
C THR A 354 -14.67 5.44 -10.09
N PHE A 355 -14.12 6.01 -9.02
CA PHE A 355 -12.96 5.42 -8.36
C PHE A 355 -13.31 4.04 -7.79
N TYR A 356 -14.46 3.97 -7.12
CA TYR A 356 -14.83 2.78 -6.35
C TYR A 356 -16.04 2.03 -6.91
N GLY A 357 -15.91 0.72 -7.05
CA GLY A 357 -17.01 -0.11 -7.51
C GLY A 357 -17.47 0.16 -8.93
N GLY A 358 -18.44 -0.61 -9.39
CA GLY A 358 -18.96 -0.47 -10.73
C GLY A 358 -18.33 -1.45 -11.70
N GLY A 359 -18.18 -1.02 -12.95
CA GLY A 359 -17.65 -1.85 -14.02
C GLY A 359 -16.56 -1.15 -14.81
N ALA A 360 -16.55 -1.37 -16.13
CA ALA A 360 -15.53 -0.81 -17.01
C ALA A 360 -15.47 0.72 -17.01
N GLU A 361 -16.61 1.38 -16.79
CA GLU A 361 -16.67 2.83 -16.83
C GLU A 361 -15.81 3.47 -15.75
N GLY A 362 -14.84 4.28 -16.18
CA GLY A 362 -13.94 4.96 -15.28
C GLY A 362 -12.91 4.01 -14.71
N TYR A 363 -12.58 2.98 -15.47
CA TYR A 363 -11.70 1.93 -15.00
C TYR A 363 -10.79 1.41 -16.11
N THR A 364 -11.40 0.88 -17.17
CA THR A 364 -10.66 0.40 -18.32
C THR A 364 -10.98 1.20 -19.58
N ASP A 365 -11.73 2.28 -19.43
CA ASP A 365 -12.14 3.06 -20.61
C ASP A 365 -11.50 4.44 -20.70
N TYR A 366 -10.50 4.69 -19.85
CA TYR A 366 -9.67 5.87 -19.98
C TYR A 366 -8.79 5.69 -21.21
N PRO A 367 -8.87 6.63 -22.16
CA PRO A 367 -8.18 6.52 -23.44
C PRO A 367 -6.67 6.66 -23.34
N ALA A 368 -5.95 5.88 -24.14
CA ALA A 368 -4.52 6.08 -24.37
C ALA A 368 -4.35 7.20 -25.40
N LEU A 369 -3.12 7.64 -25.61
CA LEU A 369 -2.83 8.66 -26.62
C LEU A 369 -3.17 8.19 -28.02
N ALA A 370 -3.48 9.14 -28.91
CA ALA A 370 -3.82 8.80 -30.28
C ALA A 370 -2.60 8.33 -31.10
N GLN A 371 -2.18 7.08 -30.87
CA GLN A 371 -1.18 6.41 -31.71
C GLN A 371 -1.17 4.91 -31.43
N1 FMN B . -3.13 3.68 -1.04
C2 FMN B . -2.78 2.42 -0.57
O2 FMN B . -1.74 2.25 0.08
N3 FMN B . -3.61 1.34 -0.80
C4 FMN B . -4.76 1.51 -1.54
O4 FMN B . -5.48 0.53 -1.75
C4A FMN B . -5.13 2.77 -1.98
N5 FMN B . -6.32 2.96 -2.66
C5A FMN B . -6.63 4.18 -3.22
C6 FMN B . -7.74 4.30 -4.06
C7 FMN B . -8.04 5.52 -4.65
C7M FMN B . -9.25 5.64 -5.52
C8 FMN B . -7.21 6.62 -4.43
C8M FMN B . -7.54 7.95 -5.05
C9 FMN B . -6.10 6.49 -3.61
C9A FMN B . -5.79 5.27 -3.00
N10 FMN B . -4.65 5.11 -2.23
C10 FMN B . -4.31 3.86 -1.75
C1' FMN B . -3.68 6.24 -2.05
C2' FMN B . -2.78 6.42 -3.27
O2' FMN B . -1.92 5.31 -3.42
C3' FMN B . -1.94 7.70 -3.16
O3' FMN B . -1.29 7.69 -1.90
C4' FMN B . -2.80 8.96 -3.29
O4' FMN B . -3.67 8.79 -4.39
C5' FMN B . -1.96 10.22 -3.48
O5' FMN B . -1.25 10.06 -4.68
P FMN B . -1.55 10.94 -5.99
O1P FMN B . -0.53 10.56 -7.02
O2P FMN B . -2.95 10.63 -6.50
O3P FMN B . -1.45 12.41 -5.66
C1' HBA C . -9.01 4.60 -0.48
O1' HBA C . -9.97 3.89 -0.80
C1 HBA C . -7.79 4.03 0.17
C2 HBA C . -7.68 2.69 0.49
C3 HBA C . -6.52 2.20 1.08
C4 HBA C . -5.46 3.05 1.36
C5 HBA C . -5.57 4.40 1.04
C6 HBA C . -6.72 4.88 0.44
O4 HBA C . -4.32 2.58 1.96
#